data_2HH9
#
_entry.id   2HH9
#
_cell.length_a   51.309
_cell.length_b   60.696
_cell.length_c   64.831
_cell.angle_alpha   65.94
_cell.angle_beta   89.86
_cell.angle_gamma   64.87
#
_symmetry.space_group_name_H-M   'P 1'
#
loop_
_entity.id
_entity.type
_entity.pdbx_description
1 polymer 'Thiamin pyrophosphokinase'
2 non-polymer 'MAGNESIUM ION'
3 non-polymer 3-(4-AMINO-2-METHYL-PYRIMIDIN-5-YLMETHYL)-5-(2-HYDROXY-ETHYL)-4-METHYL-THIAZOL-3-IUM
4 water water
#
_entity_poly.entity_id   1
_entity_poly.type   'polypeptide(L)'
_entity_poly.pdbx_seq_one_letter_code
;MAHHHHHHGHHHQLSEDSELIEQVIEQPDSLIISPPSDSSSSSYNHIQPFVYLESTATTQTNHNVLLILNQKITIDLISL
WKKCEIIVCADGGANSLYEYFNDNNHHHHHENLQRSDYIPDYIVGDFDSISPDVKTYYESHGSKIIRQSSQYYNDFTKSI
HCIQLHYQLNHTKENWFESIDEVDGLAKLWNGLNNSSDVVVDIDITIYVLNAIGGRFDQTVQSINQLYIMNEDYPKVTVF
FITTNDIIFLLKKGVNYISYKNRLMFHKDNGSSPTPTCGLLPLSNKTPIILNSYGLKYDMRNWKTEMLGQVSSSNRISGE
TGFIVECSDDIVMNIEIDV
;
_entity_poly.pdbx_strand_id   A,B
#
loop_
_chem_comp.id
_chem_comp.type
_chem_comp.name
_chem_comp.formula
MG non-polymer 'MAGNESIUM ION' 'Mg 2'
VIB non-polymer 3-(4-AMINO-2-METHYL-PYRIMIDIN-5-YLMETHYL)-5-(2-HYDROXY-ETHYL)-4-METHYL-THIAZOL-3-IUM 'C12 H17 N4 O S 1'
#
# COMPACT_ATOMS: atom_id res chain seq x y z
N SER A 18 -20.58 -21.36 1.84
CA SER A 18 -20.92 -20.39 2.92
C SER A 18 -21.53 -21.10 4.12
N GLU A 19 -21.76 -22.40 3.97
CA GLU A 19 -22.36 -23.20 5.05
C GLU A 19 -21.38 -23.47 6.20
N LEU A 20 -20.16 -23.91 5.87
CA LEU A 20 -19.17 -24.21 6.90
C LEU A 20 -18.93 -23.02 7.82
N ILE A 21 -18.81 -23.30 9.11
CA ILE A 21 -18.58 -22.28 10.13
C ILE A 21 -17.16 -21.73 10.08
N GLU A 22 -17.05 -20.40 10.09
CA GLU A 22 -15.73 -19.79 10.07
C GLU A 22 -15.12 -20.00 11.44
N GLN A 23 -13.80 -20.16 11.48
CA GLN A 23 -13.11 -20.38 12.73
C GLN A 23 -11.79 -19.62 12.77
N VAL A 24 -11.46 -19.12 13.96
CA VAL A 24 -10.21 -18.43 14.20
C VAL A 24 -9.66 -19.07 15.45
N ILE A 25 -8.61 -19.87 15.28
CA ILE A 25 -8.01 -20.58 16.39
C ILE A 25 -6.75 -19.92 16.93
N GLU A 26 -6.77 -19.56 18.21
CA GLU A 26 -5.62 -18.94 18.84
C GLU A 26 -4.63 -20.06 19.15
N GLN A 27 -3.49 -20.03 18.48
CA GLN A 27 -2.48 -21.05 18.65
C GLN A 27 -1.37 -20.62 19.60
N PRO A 28 -0.54 -21.57 20.04
CA PRO A 28 0.56 -21.25 20.95
C PRO A 28 1.54 -20.44 20.08
N ASP A 29 2.53 -19.81 20.70
CA ASP A 29 3.50 -19.02 19.96
C ASP A 29 4.46 -19.84 19.11
N SER A 30 4.51 -21.14 19.37
CA SER A 30 5.38 -22.02 18.61
C SER A 30 4.65 -23.31 18.28
N LEU A 31 4.77 -23.73 17.04
CA LEU A 31 4.13 -24.95 16.57
C LEU A 31 5.03 -25.57 15.50
N ILE A 32 4.91 -26.88 15.35
CA ILE A 32 5.67 -27.58 14.33
C ILE A 32 4.65 -27.97 13.28
N ILE A 33 4.85 -27.49 12.06
CA ILE A 33 3.95 -27.81 10.97
C ILE A 33 4.71 -28.69 9.99
N SER A 34 4.15 -29.87 9.70
CA SER A 34 4.81 -30.77 8.76
C SER A 34 4.34 -30.42 7.35
N PRO A 35 5.22 -30.61 6.35
CA PRO A 35 4.87 -30.32 4.96
C PRO A 35 3.60 -31.05 4.55
N PRO A 36 2.73 -30.41 3.76
CA PRO A 36 1.48 -31.02 3.30
C PRO A 36 1.70 -32.44 2.77
N SER A 43 -0.75 -32.06 -5.09
CA SER A 43 0.27 -31.05 -5.35
C SER A 43 -0.03 -29.76 -4.59
N TYR A 44 1.01 -29.18 -4.00
CA TYR A 44 0.85 -27.91 -3.28
C TYR A 44 1.93 -26.95 -3.76
N ASN A 45 1.74 -25.67 -3.49
CA ASN A 45 2.73 -24.67 -3.89
C ASN A 45 3.71 -24.46 -2.74
N HIS A 46 4.99 -24.68 -3.00
CA HIS A 46 6.03 -24.50 -1.98
C HIS A 46 6.69 -23.14 -2.15
N ILE A 47 6.64 -22.33 -1.10
CA ILE A 47 7.22 -20.99 -1.12
C ILE A 47 8.34 -20.88 -0.08
N GLN A 48 9.50 -20.39 -0.51
CA GLN A 48 10.66 -20.21 0.36
C GLN A 48 11.08 -18.76 0.20
N PRO A 49 10.40 -17.84 0.90
CA PRO A 49 10.68 -16.40 0.84
C PRO A 49 12.04 -15.91 1.33
N PHE A 50 12.66 -16.66 2.23
CA PHE A 50 13.91 -16.21 2.82
C PHE A 50 15.21 -16.88 2.41
N VAL A 51 15.19 -17.57 1.29
CA VAL A 51 16.40 -18.23 0.81
C VAL A 51 17.51 -17.20 0.61
N TYR A 52 17.13 -16.00 0.17
CA TYR A 52 18.11 -14.95 -0.08
C TYR A 52 18.83 -14.48 1.18
N LEU A 53 18.29 -14.83 2.33
CA LEU A 53 18.90 -14.45 3.61
C LEU A 53 19.82 -15.53 4.17
N GLU A 54 20.07 -16.57 3.37
CA GLU A 54 20.96 -17.65 3.79
C GLU A 54 22.40 -17.17 3.72
N ASN A 62 16.57 -20.77 -8.44
CA ASN A 62 16.37 -20.67 -9.88
C ASN A 62 17.18 -19.49 -10.41
N HIS A 63 16.72 -18.92 -11.52
CA HIS A 63 17.37 -17.77 -12.13
C HIS A 63 16.91 -16.56 -11.32
N ASN A 64 17.80 -16.04 -10.48
CA ASN A 64 17.50 -14.89 -9.63
C ASN A 64 17.72 -13.56 -10.34
N VAL A 65 16.74 -12.67 -10.20
CA VAL A 65 16.79 -11.35 -10.80
C VAL A 65 16.52 -10.28 -9.76
N LEU A 66 17.30 -9.20 -9.81
CA LEU A 66 17.11 -8.09 -8.89
C LEU A 66 16.60 -6.89 -9.66
N LEU A 67 15.41 -6.42 -9.30
CA LEU A 67 14.82 -5.26 -9.96
C LEU A 67 14.81 -4.12 -8.94
N ILE A 68 15.51 -3.04 -9.25
CA ILE A 68 15.63 -1.90 -8.35
C ILE A 68 14.87 -0.67 -8.79
N LEU A 69 13.83 -0.31 -8.03
CA LEU A 69 13.03 0.86 -8.35
C LEU A 69 13.58 2.08 -7.62
N ASN A 70 12.95 3.23 -7.81
CA ASN A 70 13.41 4.48 -7.22
C ASN A 70 13.04 4.86 -5.79
N GLN A 71 13.94 4.53 -4.85
CA GLN A 71 13.78 4.85 -3.43
C GLN A 71 15.13 4.53 -2.78
N LYS A 72 15.41 5.11 -1.62
CA LYS A 72 16.68 4.84 -0.95
C LYS A 72 16.76 3.36 -0.58
N ILE A 73 17.94 2.78 -0.77
CA ILE A 73 18.16 1.36 -0.48
C ILE A 73 18.70 1.16 0.94
N THR A 74 17.90 0.50 1.79
CA THR A 74 18.30 0.26 3.17
C THR A 74 18.76 -1.17 3.44
N ILE A 75 18.24 -2.12 2.67
CA ILE A 75 18.61 -3.51 2.85
C ILE A 75 20.08 -3.73 2.53
N ASP A 76 20.56 -4.95 2.78
CA ASP A 76 21.94 -5.30 2.47
C ASP A 76 21.95 -5.61 0.98
N LEU A 77 22.02 -4.56 0.17
CA LEU A 77 22.03 -4.71 -1.28
C LEU A 77 23.05 -5.73 -1.76
N ILE A 78 24.29 -5.54 -1.32
CA ILE A 78 25.39 -6.40 -1.72
C ILE A 78 25.14 -7.89 -1.58
N SER A 79 24.55 -8.30 -0.46
CA SER A 79 24.28 -9.71 -0.25
C SER A 79 23.25 -10.23 -1.26
N LEU A 80 22.23 -9.41 -1.53
CA LEU A 80 21.19 -9.80 -2.48
C LEU A 80 21.77 -9.86 -3.89
N TRP A 81 22.52 -8.81 -4.24
CA TRP A 81 23.14 -8.71 -5.56
C TRP A 81 23.94 -9.98 -5.90
N LYS A 82 24.74 -10.45 -4.94
CA LYS A 82 25.58 -11.62 -5.16
C LYS A 82 24.81 -12.91 -5.45
N LYS A 83 23.51 -12.91 -5.17
CA LYS A 83 22.70 -14.09 -5.42
C LYS A 83 21.84 -13.98 -6.67
N CYS A 84 22.03 -12.91 -7.44
CA CYS A 84 21.24 -12.69 -8.65
C CYS A 84 22.01 -12.81 -9.95
N GLU A 85 21.37 -13.43 -10.93
CA GLU A 85 21.94 -13.66 -12.26
C GLU A 85 22.01 -12.34 -13.04
N ILE A 86 20.94 -11.55 -12.99
CA ILE A 86 20.90 -10.26 -13.65
C ILE A 86 20.28 -9.21 -12.73
N ILE A 87 20.67 -7.96 -12.94
CA ILE A 87 20.16 -6.86 -12.15
C ILE A 87 19.61 -5.81 -13.11
N VAL A 88 18.40 -5.34 -12.85
CA VAL A 88 17.79 -4.34 -13.69
C VAL A 88 17.35 -3.13 -12.86
N CYS A 89 17.69 -1.93 -13.31
CA CYS A 89 17.30 -0.71 -12.64
C CYS A 89 16.18 -0.05 -13.42
N ALA A 90 15.10 0.28 -12.73
CA ALA A 90 13.97 0.95 -13.36
C ALA A 90 14.17 2.45 -13.20
N ASP A 91 14.72 3.06 -14.24
CA ASP A 91 14.99 4.49 -14.30
C ASP A 91 15.67 5.09 -13.07
N GLY A 92 14.89 5.81 -12.26
CA GLY A 92 15.44 6.42 -11.06
C GLY A 92 16.10 5.41 -10.14
N GLY A 93 15.74 4.15 -10.32
CA GLY A 93 16.31 3.09 -9.52
C GLY A 93 17.83 3.08 -9.67
N ALA A 94 18.32 3.60 -10.78
CA ALA A 94 19.77 3.65 -11.01
C ALA A 94 20.40 4.66 -10.06
N ASN A 95 19.69 5.74 -9.77
CA ASN A 95 20.19 6.74 -8.82
C ASN A 95 20.33 6.08 -7.46
N SER A 96 19.26 5.41 -7.04
CA SER A 96 19.23 4.70 -5.76
C SER A 96 20.46 3.80 -5.65
N LEU A 97 20.76 3.09 -6.72
CA LEU A 97 21.91 2.20 -6.73
C LEU A 97 23.22 3.00 -6.60
N TYR A 98 23.31 4.08 -7.38
CA TYR A 98 24.50 4.93 -7.36
C TYR A 98 24.75 5.50 -5.97
N GLU A 99 23.74 6.17 -5.43
CA GLU A 99 23.81 6.82 -4.11
C GLU A 99 24.06 5.89 -2.93
N TYR A 100 23.93 4.59 -3.16
CA TYR A 100 24.12 3.60 -2.09
C TYR A 100 25.58 3.44 -1.67
N PHE A 101 26.49 3.69 -2.60
CA PHE A 101 27.92 3.53 -2.33
C PHE A 101 28.64 4.77 -1.78
N ASN A 102 28.00 5.93 -1.86
CA ASN A 102 28.63 7.15 -1.35
C ASN A 102 28.49 7.28 0.16
N LEU A 113 33.60 -1.25 -0.21
CA LEU A 113 32.80 -1.53 -1.40
C LEU A 113 33.10 -0.53 -2.50
N GLN A 114 33.12 -1.00 -3.74
CA GLN A 114 33.36 -0.13 -4.88
C GLN A 114 32.14 -0.14 -5.79
N ARG A 115 31.62 1.06 -6.07
CA ARG A 115 30.46 1.21 -6.92
C ARG A 115 30.63 0.52 -8.28
N SER A 116 31.84 0.57 -8.82
CA SER A 116 32.13 -0.04 -10.11
C SER A 116 32.04 -1.56 -10.13
N ASP A 117 31.95 -2.18 -8.96
CA ASP A 117 31.84 -3.64 -8.87
C ASP A 117 30.39 -4.10 -9.04
N TYR A 118 29.46 -3.16 -9.09
CA TYR A 118 28.05 -3.49 -9.21
C TYR A 118 27.33 -2.71 -10.31
N ILE A 119 27.60 -3.10 -11.54
CA ILE A 119 26.99 -2.45 -12.70
C ILE A 119 25.73 -3.22 -13.09
N PRO A 120 24.59 -2.52 -13.17
CA PRO A 120 23.34 -3.19 -13.53
C PRO A 120 23.36 -3.62 -14.99
N ASP A 121 22.87 -4.81 -15.25
CA ASP A 121 22.82 -5.34 -16.61
C ASP A 121 21.95 -4.46 -17.50
N TYR A 122 20.81 -4.05 -16.98
CA TYR A 122 19.90 -3.19 -17.74
C TYR A 122 19.42 -1.99 -16.93
N ILE A 123 19.12 -0.91 -17.64
CA ILE A 123 18.57 0.30 -17.03
C ILE A 123 17.45 0.59 -18.02
N VAL A 124 16.22 0.52 -17.53
CA VAL A 124 15.03 0.69 -18.35
C VAL A 124 14.04 1.77 -17.87
N GLY A 125 13.34 2.37 -18.82
CA GLY A 125 12.36 3.39 -18.46
C GLY A 125 12.33 4.59 -19.37
N ASP A 126 11.45 5.54 -19.04
CA ASP A 126 11.34 6.77 -19.82
C ASP A 126 12.47 7.73 -19.45
N PHE A 127 13.20 7.37 -18.39
CA PHE A 127 14.34 8.16 -17.90
C PHE A 127 14.03 9.61 -17.52
N ASP A 128 12.91 9.82 -16.84
CA ASP A 128 12.53 11.16 -16.41
C ASP A 128 12.97 11.38 -14.97
N SER A 129 13.67 10.40 -14.41
CA SER A 129 14.14 10.48 -13.03
C SER A 129 15.65 10.26 -12.89
N ILE A 130 16.19 9.34 -13.70
CA ILE A 130 17.63 9.06 -13.64
C ILE A 130 18.40 10.34 -13.98
N SER A 131 19.46 10.62 -13.23
CA SER A 131 20.26 11.81 -13.46
C SER A 131 21.32 11.53 -14.52
N PRO A 132 21.62 12.52 -15.38
CA PRO A 132 22.62 12.38 -16.44
C PRO A 132 23.94 11.83 -15.92
N ASP A 133 24.38 12.33 -14.78
CA ASP A 133 25.63 11.87 -14.17
C ASP A 133 25.58 10.37 -13.90
N VAL A 134 24.49 9.90 -13.33
CA VAL A 134 24.35 8.47 -13.04
C VAL A 134 24.23 7.71 -14.35
N LYS A 135 23.43 8.24 -15.27
CA LYS A 135 23.22 7.60 -16.56
C LYS A 135 24.57 7.44 -17.28
N THR A 136 25.34 8.53 -17.32
CA THR A 136 26.65 8.51 -17.96
C THR A 136 27.53 7.44 -17.32
N TYR A 137 27.66 7.50 -16.01
CA TYR A 137 28.48 6.56 -15.25
C TYR A 137 28.23 5.10 -15.62
N TYR A 138 26.98 4.65 -15.48
CA TYR A 138 26.65 3.26 -15.79
C TYR A 138 26.72 2.89 -17.26
N GLU A 139 26.41 3.83 -18.13
CA GLU A 139 26.48 3.55 -19.56
C GLU A 139 27.94 3.31 -19.94
N SER A 140 28.84 4.10 -19.34
CA SER A 140 30.26 3.95 -19.62
C SER A 140 30.78 2.64 -19.03
N HIS A 141 30.06 2.08 -18.06
CA HIS A 141 30.49 0.83 -17.46
C HIS A 141 29.84 -0.41 -18.06
N GLY A 142 29.07 -0.22 -19.12
CA GLY A 142 28.46 -1.36 -19.76
C GLY A 142 27.00 -1.69 -19.55
N SER A 143 26.28 -0.90 -18.75
CA SER A 143 24.85 -1.18 -18.55
C SER A 143 24.09 -1.01 -19.86
N LYS A 144 23.20 -1.95 -20.15
CA LYS A 144 22.41 -1.89 -21.37
C LYS A 144 21.26 -0.92 -21.15
N ILE A 145 21.31 0.21 -21.84
CA ILE A 145 20.30 1.24 -21.71
C ILE A 145 19.12 1.05 -22.64
N ILE A 146 17.93 0.94 -22.07
CA ILE A 146 16.73 0.76 -22.86
C ILE A 146 15.69 1.82 -22.52
N ARG A 147 15.62 2.85 -23.36
CA ARG A 147 14.66 3.93 -23.16
C ARG A 147 13.32 3.53 -23.77
N GLN A 148 12.25 3.77 -23.01
CA GLN A 148 10.89 3.50 -23.46
C GLN A 148 10.09 4.71 -23.00
N SER A 149 9.65 5.52 -23.96
CA SER A 149 8.90 6.74 -23.67
C SER A 149 7.41 6.57 -23.46
N SER A 150 6.89 5.37 -23.72
CA SER A 150 5.46 5.14 -23.56
C SER A 150 4.90 5.66 -22.24
N GLN A 151 3.83 6.42 -22.35
CA GLN A 151 3.16 6.97 -21.18
C GLN A 151 1.97 6.09 -20.84
N TYR A 152 2.03 4.82 -21.24
CA TYR A 152 0.95 3.87 -20.99
C TYR A 152 1.40 2.64 -20.21
N TYR A 153 2.69 2.61 -19.88
CA TYR A 153 3.31 1.52 -19.10
C TYR A 153 4.26 2.23 -18.15
N ASN A 154 4.42 1.75 -16.92
CA ASN A 154 5.35 2.40 -15.99
C ASN A 154 6.72 1.75 -16.04
N ASP A 155 7.68 2.32 -15.33
CA ASP A 155 9.05 1.80 -15.33
C ASP A 155 9.12 0.36 -14.84
N PHE A 156 8.21 -0.02 -13.96
CA PHE A 156 8.16 -1.37 -13.41
C PHE A 156 7.78 -2.39 -14.47
N THR A 157 6.66 -2.14 -15.15
CA THR A 157 6.19 -3.05 -16.19
C THR A 157 7.18 -3.12 -17.36
N LYS A 158 7.77 -1.98 -17.71
CA LYS A 158 8.74 -1.96 -18.79
C LYS A 158 9.94 -2.80 -18.40
N SER A 159 10.37 -2.68 -17.14
CA SER A 159 11.51 -3.46 -16.66
C SER A 159 11.18 -4.95 -16.64
N ILE A 160 9.94 -5.28 -16.31
CA ILE A 160 9.48 -6.67 -16.28
C ILE A 160 9.54 -7.27 -17.69
N HIS A 161 9.08 -6.49 -18.68
CA HIS A 161 9.10 -6.94 -20.07
C HIS A 161 10.54 -7.18 -20.49
N CYS A 162 11.42 -6.28 -20.07
CA CYS A 162 12.84 -6.39 -20.39
C CYS A 162 13.41 -7.69 -19.85
N ILE A 163 13.06 -7.99 -18.60
CA ILE A 163 13.52 -9.20 -17.93
C ILE A 163 13.06 -10.45 -18.67
N GLN A 164 11.78 -10.51 -19.02
CA GLN A 164 11.23 -11.65 -19.72
C GLN A 164 11.84 -11.80 -21.11
N LEU A 165 12.00 -10.67 -21.80
CA LEU A 165 12.58 -10.69 -23.14
C LEU A 165 14.04 -11.08 -23.07
N HIS A 166 14.70 -10.72 -21.97
CA HIS A 166 16.11 -11.06 -21.80
C HIS A 166 16.30 -12.58 -21.81
N TYR A 167 15.54 -13.27 -20.97
CA TYR A 167 15.64 -14.72 -20.86
C TYR A 167 15.19 -15.46 -22.11
N GLN A 168 14.56 -14.72 -23.03
CA GLN A 168 14.09 -15.31 -24.28
C GLN A 168 15.05 -15.05 -25.44
N LEU A 169 15.63 -13.85 -25.48
CA LEU A 169 16.51 -13.48 -26.58
C LEU A 169 17.99 -13.26 -26.31
N ASN A 170 18.36 -12.95 -25.07
CA ASN A 170 19.77 -12.67 -24.79
C ASN A 170 20.78 -13.77 -25.10
N HIS A 171 20.43 -15.03 -24.85
CA HIS A 171 21.36 -16.11 -25.15
C HIS A 171 21.62 -16.21 -26.65
N THR A 172 20.80 -15.49 -27.43
CA THR A 172 20.94 -15.49 -28.88
C THR A 172 21.65 -14.23 -29.36
N LYS A 173 21.24 -13.08 -28.83
CA LYS A 173 21.84 -11.79 -29.20
C LYS A 173 22.05 -10.92 -27.98
N GLU A 174 23.27 -10.46 -27.77
CA GLU A 174 23.59 -9.60 -26.64
C GLU A 174 22.95 -8.22 -26.78
N ASN A 175 22.76 -7.78 -28.02
CA ASN A 175 22.17 -6.47 -28.28
C ASN A 175 20.76 -6.61 -28.86
N TRP A 176 20.00 -7.58 -28.34
CA TRP A 176 18.64 -7.82 -28.80
C TRP A 176 17.73 -6.61 -28.63
N PHE A 177 18.08 -5.74 -27.69
CA PHE A 177 17.29 -4.55 -27.39
C PHE A 177 17.58 -3.36 -28.28
N GLU A 178 18.64 -3.44 -29.06
CA GLU A 178 19.00 -2.32 -29.92
C GLU A 178 18.08 -2.10 -31.10
N SER A 179 17.82 -0.83 -31.39
CA SER A 179 16.97 -0.42 -32.51
C SER A 179 15.50 -0.76 -32.38
N ILE A 180 15.07 -1.24 -31.22
CA ILE A 180 13.65 -1.55 -31.03
C ILE A 180 12.92 -0.23 -30.88
N ASP A 181 11.60 -0.25 -31.03
CA ASP A 181 10.83 0.97 -30.91
C ASP A 181 11.03 1.61 -29.53
N GLU A 182 11.46 2.87 -29.54
CA GLU A 182 11.74 3.60 -28.32
C GLU A 182 10.51 4.04 -27.53
N VAL A 183 9.32 3.79 -28.06
CA VAL A 183 8.10 4.17 -27.34
C VAL A 183 7.61 3.01 -26.49
N ASP A 184 7.28 1.91 -27.14
CA ASP A 184 6.79 0.73 -26.44
C ASP A 184 7.22 -0.55 -27.13
N GLY A 185 8.45 -0.56 -27.65
CA GLY A 185 8.97 -1.73 -28.33
C GLY A 185 9.01 -2.98 -27.45
N LEU A 186 9.34 -2.82 -26.19
CA LEU A 186 9.39 -3.96 -25.28
C LEU A 186 8.00 -4.60 -25.16
N ALA A 187 7.01 -3.77 -24.92
CA ALA A 187 5.62 -4.24 -24.77
C ALA A 187 5.13 -4.92 -26.04
N LYS A 188 5.46 -4.33 -27.18
CA LYS A 188 5.06 -4.88 -28.48
C LYS A 188 5.80 -6.18 -28.76
N LEU A 189 7.11 -6.19 -28.47
CA LEU A 189 7.93 -7.36 -28.72
C LEU A 189 7.54 -8.52 -27.82
N TRP A 190 7.26 -8.23 -26.55
CA TRP A 190 6.86 -9.29 -25.63
C TRP A 190 5.56 -9.91 -26.12
N ASN A 191 4.44 -9.28 -25.79
CA ASN A 191 3.15 -9.79 -26.23
C ASN A 191 3.04 -9.59 -27.74
N GLY A 192 3.84 -10.35 -28.47
CA GLY A 192 3.87 -10.29 -29.92
C GLY A 192 4.80 -11.36 -30.41
N LEU A 193 5.68 -11.81 -29.51
CA LEU A 193 6.63 -12.87 -29.81
C LEU A 193 5.90 -14.17 -29.53
N ASN A 194 4.74 -14.05 -28.88
CA ASN A 194 3.91 -15.19 -28.54
C ASN A 194 3.04 -15.58 -29.73
N ASN A 195 2.79 -14.62 -30.62
CA ASN A 195 1.97 -14.87 -31.80
C ASN A 195 2.76 -15.77 -32.75
N SER A 196 4.07 -15.60 -32.75
CA SER A 196 4.95 -16.40 -33.59
C SER A 196 5.34 -17.67 -32.82
N SER A 197 4.93 -17.72 -31.56
CA SER A 197 5.18 -18.86 -30.69
C SER A 197 6.66 -19.16 -30.46
N ASP A 198 7.50 -18.13 -30.52
CA ASP A 198 8.93 -18.32 -30.30
C ASP A 198 9.29 -18.12 -28.83
N VAL A 199 8.29 -18.19 -27.95
CA VAL A 199 8.50 -17.99 -26.53
C VAL A 199 8.63 -19.29 -25.73
N VAL A 200 9.72 -19.39 -24.97
CA VAL A 200 9.99 -20.56 -24.14
C VAL A 200 9.19 -20.42 -22.85
N VAL A 201 8.04 -21.10 -22.79
CA VAL A 201 7.17 -21.04 -21.63
C VAL A 201 7.74 -21.76 -20.41
N ASP A 202 8.78 -22.55 -20.60
CA ASP A 202 9.38 -23.29 -19.48
C ASP A 202 10.71 -22.71 -18.99
N ILE A 203 10.63 -21.89 -17.95
CA ILE A 203 11.81 -21.28 -17.34
C ILE A 203 11.41 -20.63 -16.02
N ASP A 204 11.91 -21.17 -14.92
CA ASP A 204 11.61 -20.66 -13.59
C ASP A 204 12.45 -19.44 -13.26
N ILE A 205 11.77 -18.34 -12.95
CA ILE A 205 12.45 -17.10 -12.62
C ILE A 205 11.97 -16.56 -11.27
N THR A 206 12.89 -15.98 -10.52
CA THR A 206 12.56 -15.39 -9.24
C THR A 206 13.03 -13.95 -9.33
N ILE A 207 12.10 -13.01 -9.17
CA ILE A 207 12.42 -11.60 -9.24
C ILE A 207 12.28 -10.93 -7.89
N TYR A 208 13.40 -10.40 -7.38
CA TYR A 208 13.41 -9.68 -6.12
C TYR A 208 13.25 -8.21 -6.50
N VAL A 209 12.15 -7.60 -6.06
CA VAL A 209 11.89 -6.21 -6.40
C VAL A 209 12.07 -5.27 -5.21
N LEU A 210 12.96 -4.30 -5.36
CA LEU A 210 13.24 -3.31 -4.32
C LEU A 210 12.59 -1.95 -4.63
N ASN A 211 12.15 -1.27 -3.59
CA ASN A 211 11.56 0.06 -3.72
C ASN A 211 10.24 0.18 -4.49
N ALA A 212 9.47 -0.89 -4.58
CA ALA A 212 8.21 -0.85 -5.31
C ALA A 212 7.01 -0.56 -4.41
N ILE A 213 7.20 -0.76 -3.11
CA ILE A 213 6.14 -0.55 -2.14
C ILE A 213 6.54 0.50 -1.10
N GLY A 214 5.55 1.22 -0.57
CA GLY A 214 5.85 2.22 0.45
C GLY A 214 5.88 3.66 -0.01
N GLY A 215 6.18 3.88 -1.29
CA GLY A 215 6.23 5.24 -1.82
C GLY A 215 4.85 5.76 -2.17
N ARG A 216 4.71 6.32 -3.36
CA ARG A 216 3.41 6.84 -3.80
C ARG A 216 2.46 5.66 -3.87
N PHE A 217 1.30 5.80 -3.23
CA PHE A 217 0.32 4.73 -3.16
C PHE A 217 -0.15 4.14 -4.49
N ASP A 218 -0.32 4.96 -5.51
CA ASP A 218 -0.78 4.44 -6.80
C ASP A 218 0.28 3.52 -7.42
N GLN A 219 1.54 3.73 -7.05
CA GLN A 219 2.64 2.91 -7.55
C GLN A 219 2.63 1.59 -6.79
N THR A 220 2.32 1.66 -5.50
CA THR A 220 2.24 0.46 -4.68
C THR A 220 1.13 -0.42 -5.22
N VAL A 221 -0.03 0.18 -5.49
CA VAL A 221 -1.15 -0.58 -6.00
C VAL A 221 -0.90 -1.16 -7.40
N GLN A 222 -0.26 -0.40 -8.27
CA GLN A 222 0.01 -0.90 -9.62
C GLN A 222 0.94 -2.11 -9.52
N SER A 223 1.91 -2.04 -8.59
CA SER A 223 2.85 -3.12 -8.36
C SER A 223 2.12 -4.38 -7.91
N ILE A 224 1.14 -4.22 -7.05
CA ILE A 224 0.36 -5.35 -6.56
C ILE A 224 -0.51 -5.89 -7.70
N ASN A 225 -1.09 -4.98 -8.49
CA ASN A 225 -1.91 -5.36 -9.63
C ASN A 225 -1.07 -6.23 -10.57
N GLN A 226 0.14 -5.77 -10.88
CA GLN A 226 1.03 -6.52 -11.75
C GLN A 226 1.40 -7.88 -11.15
N LEU A 227 1.54 -7.92 -9.83
CA LEU A 227 1.87 -9.17 -9.16
C LEU A 227 0.82 -10.24 -9.51
N TYR A 228 -0.44 -9.87 -9.39
CA TYR A 228 -1.56 -10.76 -9.70
C TYR A 228 -1.60 -11.12 -11.18
N ILE A 229 -1.49 -10.11 -12.04
CA ILE A 229 -1.54 -10.31 -13.48
C ILE A 229 -0.42 -11.24 -13.94
N MET A 230 0.78 -11.01 -13.42
CA MET A 230 1.93 -11.82 -13.77
C MET A 230 1.78 -13.28 -13.38
N ASN A 231 1.11 -13.55 -12.26
CA ASN A 231 0.95 -14.94 -11.85
C ASN A 231 -0.05 -15.62 -12.76
N GLU A 232 -1.06 -14.85 -13.19
CA GLU A 232 -2.09 -15.34 -14.07
C GLU A 232 -1.48 -15.79 -15.39
N ASP A 233 -0.67 -14.92 -15.98
CA ASP A 233 -0.05 -15.19 -17.27
C ASP A 233 1.29 -15.91 -17.26
N TYR A 234 2.07 -15.72 -16.19
CA TYR A 234 3.39 -16.33 -16.09
C TYR A 234 3.58 -16.96 -14.71
N PRO A 235 2.86 -18.06 -14.45
CA PRO A 235 2.92 -18.79 -13.17
C PRO A 235 4.29 -19.32 -12.75
N LYS A 236 5.24 -19.38 -13.68
CA LYS A 236 6.57 -19.87 -13.33
C LYS A 236 7.50 -18.72 -12.92
N VAL A 237 6.99 -17.50 -12.95
CA VAL A 237 7.76 -16.34 -12.52
C VAL A 237 7.31 -16.06 -11.09
N THR A 238 8.23 -16.13 -10.14
CA THR A 238 7.93 -15.88 -8.73
C THR A 238 8.47 -14.51 -8.34
N VAL A 239 7.58 -13.63 -7.88
CA VAL A 239 7.98 -12.29 -7.49
C VAL A 239 7.98 -12.05 -5.99
N PHE A 240 9.06 -11.48 -5.49
CA PHE A 240 9.16 -11.14 -4.07
C PHE A 240 9.44 -9.66 -3.92
N PHE A 241 8.55 -8.93 -3.26
CA PHE A 241 8.76 -7.51 -3.03
C PHE A 241 9.45 -7.39 -1.67
N ILE A 242 10.69 -6.95 -1.66
CA ILE A 242 11.41 -6.78 -0.40
C ILE A 242 11.37 -5.30 -0.07
N THR A 243 10.72 -4.95 1.04
CA THR A 243 10.61 -3.57 1.44
C THR A 243 11.35 -3.33 2.74
N THR A 244 11.22 -2.11 3.25
CA THR A 244 11.86 -1.74 4.50
C THR A 244 11.23 -2.49 5.67
N ASN A 245 9.94 -2.77 5.56
CA ASN A 245 9.21 -3.43 6.64
C ASN A 245 8.94 -4.93 6.50
N ASP A 246 8.63 -5.40 5.30
CA ASP A 246 8.36 -6.82 5.11
C ASP A 246 8.74 -7.33 3.72
N ILE A 247 8.39 -8.58 3.49
CA ILE A 247 8.59 -9.22 2.21
C ILE A 247 7.14 -9.51 1.80
N ILE A 248 6.82 -9.23 0.55
CA ILE A 248 5.47 -9.43 0.04
C ILE A 248 5.50 -10.35 -1.17
N PHE A 249 4.57 -11.30 -1.20
CA PHE A 249 4.49 -12.25 -2.29
C PHE A 249 3.07 -12.75 -2.46
N LEU A 250 2.89 -13.64 -3.43
CA LEU A 250 1.55 -14.16 -3.72
C LEU A 250 1.36 -15.63 -3.38
N LEU A 251 0.25 -15.93 -2.71
CA LEU A 251 -0.10 -17.31 -2.38
C LEU A 251 -0.98 -17.72 -3.55
N LYS A 252 -0.76 -18.94 -4.07
CA LYS A 252 -1.52 -19.42 -5.21
C LYS A 252 -2.78 -20.18 -4.81
N LYS A 253 -3.83 -20.03 -5.60
CA LYS A 253 -5.07 -20.76 -5.36
C LYS A 253 -4.68 -22.20 -5.04
N GLY A 254 -5.23 -22.73 -3.95
CA GLY A 254 -4.89 -24.08 -3.55
C GLY A 254 -4.05 -24.03 -2.30
N VAL A 255 -3.32 -25.12 -2.04
CA VAL A 255 -2.49 -25.23 -0.86
C VAL A 255 -1.11 -24.62 -1.07
N ASN A 256 -0.67 -23.85 -0.08
CA ASN A 256 0.65 -23.22 -0.12
C ASN A 256 1.40 -23.59 1.14
N TYR A 257 2.65 -23.98 0.98
CA TYR A 257 3.49 -24.34 2.12
C TYR A 257 4.68 -23.39 2.12
N ILE A 258 4.72 -22.51 3.12
CA ILE A 258 5.81 -21.54 3.26
C ILE A 258 6.81 -22.07 4.27
N SER A 259 8.06 -22.27 3.85
CA SER A 259 9.07 -22.78 4.77
C SER A 259 10.31 -21.90 4.89
N TYR A 260 11.07 -22.14 5.96
CA TYR A 260 12.28 -21.41 6.27
C TYR A 260 13.01 -22.22 7.34
N LYS A 261 14.33 -22.03 7.46
CA LYS A 261 15.11 -22.77 8.45
C LYS A 261 14.54 -22.53 9.85
N ASN A 262 14.27 -21.27 10.15
CA ASN A 262 13.68 -20.88 11.43
C ASN A 262 13.30 -19.42 11.34
N ARG A 263 12.46 -18.98 12.26
CA ARG A 263 12.00 -17.59 12.26
C ARG A 263 13.10 -16.58 12.60
N LEU A 264 14.14 -17.06 13.28
CA LEU A 264 15.26 -16.19 13.64
C LEU A 264 15.92 -15.62 12.39
N MET A 265 15.81 -16.35 11.29
CA MET A 265 16.40 -15.93 10.04
C MET A 265 15.91 -14.56 9.58
N PHE A 266 14.64 -14.27 9.82
CA PHE A 266 14.07 -12.99 9.40
C PHE A 266 13.44 -12.19 10.54
N HIS A 267 13.55 -12.70 11.76
CA HIS A 267 12.99 -12.01 12.91
C HIS A 267 13.97 -12.00 14.08
N LYS A 268 14.68 -10.89 14.28
CA LYS A 268 15.65 -10.78 15.36
C LYS A 268 15.04 -11.22 16.69
N ASP A 269 15.86 -11.86 17.52
CA ASP A 269 15.40 -12.34 18.82
C ASP A 269 15.04 -11.22 19.79
N SER A 273 8.17 -8.02 19.60
CA SER A 273 7.35 -9.21 19.44
C SER A 273 8.22 -10.46 19.38
N PRO A 274 7.81 -11.53 20.09
CA PRO A 274 8.57 -12.78 20.09
C PRO A 274 8.43 -13.52 18.77
N THR A 275 7.36 -13.21 18.04
CA THR A 275 7.09 -13.86 16.75
C THR A 275 6.81 -12.84 15.65
N PRO A 276 7.18 -13.15 14.41
CA PRO A 276 6.96 -12.23 13.30
C PRO A 276 5.50 -12.05 12.89
N THR A 277 5.14 -10.82 12.54
CA THR A 277 3.78 -10.50 12.13
C THR A 277 3.61 -10.79 10.65
N CYS A 278 2.36 -10.93 10.23
CA CYS A 278 2.05 -11.21 8.83
C CYS A 278 0.61 -10.83 8.53
N GLY A 279 0.28 -10.84 7.25
CA GLY A 279 -1.07 -10.50 6.81
C GLY A 279 -1.40 -11.19 5.51
N LEU A 280 -2.68 -11.46 5.31
CA LEU A 280 -3.22 -12.11 4.11
C LEU A 280 -4.15 -11.04 3.55
N LEU A 281 -3.80 -10.49 2.40
CA LEU A 281 -4.56 -9.38 1.83
C LEU A 281 -5.26 -9.69 0.51
N PRO A 282 -6.60 -9.75 0.54
CA PRO A 282 -7.45 -10.04 -0.62
C PRO A 282 -7.58 -8.82 -1.55
N LEU A 283 -6.55 -8.58 -2.35
CA LEU A 283 -6.53 -7.43 -3.24
C LEU A 283 -6.81 -7.65 -4.72
N SER A 284 -7.49 -8.74 -5.07
CA SER A 284 -7.81 -9.00 -6.48
C SER A 284 -9.31 -8.82 -6.71
N ASN A 285 -9.75 -9.06 -7.94
CA ASN A 285 -11.16 -8.92 -8.30
C ASN A 285 -11.92 -10.23 -8.07
N LYS A 286 -11.24 -11.18 -7.43
CA LYS A 286 -11.85 -12.46 -7.12
C LYS A 286 -12.15 -12.38 -5.63
N THR A 287 -13.44 -12.37 -5.30
CA THR A 287 -13.86 -12.25 -3.91
C THR A 287 -15.19 -12.98 -3.65
N PRO A 288 -15.34 -13.55 -2.45
CA PRO A 288 -14.35 -13.55 -1.37
C PRO A 288 -13.35 -14.69 -1.54
N ILE A 289 -12.36 -14.72 -0.66
CA ILE A 289 -11.34 -15.77 -0.68
C ILE A 289 -11.59 -16.61 0.57
N ILE A 290 -11.60 -17.93 0.41
CA ILE A 290 -11.80 -18.82 1.56
C ILE A 290 -10.41 -19.23 2.02
N LEU A 291 -10.08 -18.95 3.28
CA LEU A 291 -8.77 -19.30 3.81
C LEU A 291 -8.81 -20.38 4.90
N ASN A 292 -7.76 -21.21 4.90
CA ASN A 292 -7.54 -22.28 5.85
C ASN A 292 -6.04 -22.27 6.15
N SER A 293 -5.66 -21.87 7.35
CA SER A 293 -4.24 -21.81 7.68
C SER A 293 -3.88 -22.75 8.83
N TYR A 294 -2.61 -23.12 8.88
CA TYR A 294 -2.09 -24.01 9.91
C TYR A 294 -0.68 -23.54 10.22
N GLY A 295 -0.49 -22.92 11.38
CA GLY A 295 0.83 -22.44 11.74
C GLY A 295 0.90 -20.95 12.03
N LEU A 296 -0.23 -20.25 11.92
CA LEU A 296 -0.27 -18.82 12.22
C LEU A 296 -0.84 -18.68 13.63
N LYS A 297 -0.51 -17.57 14.30
CA LYS A 297 -0.99 -17.32 15.66
C LYS A 297 -2.51 -17.36 15.69
N TYR A 298 -3.14 -16.76 14.69
CA TYR A 298 -4.58 -16.77 14.59
C TYR A 298 -4.90 -17.58 13.34
N ASP A 299 -4.96 -18.90 13.50
CA ASP A 299 -5.24 -19.77 12.36
C ASP A 299 -6.68 -19.71 11.88
N MET A 300 -6.85 -19.72 10.57
CA MET A 300 -8.19 -19.63 9.98
C MET A 300 -8.68 -20.93 9.35
N ARG A 301 -9.98 -21.17 9.46
CA ARG A 301 -10.60 -22.35 8.87
C ARG A 301 -11.89 -21.89 8.20
N ASN A 302 -12.00 -22.17 6.91
CA ASN A 302 -13.17 -21.78 6.12
C ASN A 302 -13.54 -20.31 6.39
N TRP A 303 -12.51 -19.48 6.52
CA TRP A 303 -12.65 -18.06 6.82
C TRP A 303 -12.70 -17.24 5.53
N LYS A 304 -13.82 -16.55 5.31
CA LYS A 304 -13.98 -15.74 4.10
C LYS A 304 -13.43 -14.33 4.27
N THR A 305 -12.48 -13.97 3.42
CA THR A 305 -11.85 -12.66 3.48
C THR A 305 -12.12 -11.86 2.20
N GLU A 306 -12.29 -10.55 2.36
CA GLU A 306 -12.56 -9.68 1.22
C GLU A 306 -12.43 -8.24 1.70
N MET A 307 -12.07 -7.35 0.79
CA MET A 307 -11.99 -5.94 1.14
C MET A 307 -13.46 -5.56 1.34
N LEU A 308 -13.73 -4.69 2.33
CA LEU A 308 -15.08 -4.29 2.69
C LEU A 308 -15.67 -5.41 3.56
N GLY A 309 -14.78 -6.29 4.01
CA GLY A 309 -15.18 -7.38 4.88
C GLY A 309 -14.09 -7.60 5.90
N GLN A 310 -13.87 -8.84 6.30
CA GLN A 310 -12.83 -9.14 7.28
C GLN A 310 -11.51 -9.43 6.56
N VAL A 311 -10.43 -8.88 7.08
CA VAL A 311 -9.11 -9.07 6.50
C VAL A 311 -8.14 -9.37 7.63
N SER A 312 -7.36 -10.44 7.46
CA SER A 312 -6.39 -10.83 8.47
C SER A 312 -5.13 -9.98 8.43
N SER A 313 -4.99 -9.09 9.40
CA SER A 313 -3.80 -8.26 9.50
C SER A 313 -3.31 -8.40 10.93
N SER A 314 -2.05 -8.07 11.16
CA SER A 314 -1.45 -8.22 12.48
C SER A 314 -1.52 -9.67 12.96
N ASN A 315 -1.50 -10.61 12.02
CA ASN A 315 -1.48 -12.01 12.38
C ASN A 315 -0.01 -12.25 12.69
N ARG A 316 0.33 -13.41 13.24
CA ARG A 316 1.73 -13.73 13.55
C ARG A 316 2.04 -15.17 13.15
N ILE A 317 3.32 -15.47 12.96
CA ILE A 317 3.75 -16.80 12.56
C ILE A 317 4.20 -17.68 13.75
N SER A 318 3.48 -18.79 13.94
CA SER A 318 3.79 -19.72 15.02
C SER A 318 4.67 -20.89 14.56
N GLY A 319 4.54 -21.27 13.29
CA GLY A 319 5.32 -22.38 12.76
C GLY A 319 6.81 -22.10 12.87
N GLU A 320 7.52 -22.97 13.59
CA GLU A 320 8.95 -22.76 13.77
C GLU A 320 9.77 -22.97 12.49
N THR A 321 9.28 -23.80 11.58
CA THR A 321 10.01 -24.06 10.34
C THR A 321 9.15 -23.86 9.10
N GLY A 322 7.88 -23.51 9.30
CA GLY A 322 7.00 -23.30 8.17
C GLY A 322 5.54 -23.31 8.57
N PHE A 323 4.68 -22.96 7.64
CA PHE A 323 3.24 -22.92 7.89
C PHE A 323 2.49 -23.13 6.59
N ILE A 324 1.21 -23.44 6.69
CA ILE A 324 0.39 -23.69 5.51
C ILE A 324 -0.82 -22.78 5.39
N VAL A 325 -1.08 -22.34 4.17
CA VAL A 325 -2.25 -21.52 3.90
C VAL A 325 -2.92 -22.03 2.63
N GLU A 326 -4.16 -22.46 2.74
CA GLU A 326 -4.89 -22.91 1.57
C GLU A 326 -5.84 -21.77 1.23
N CYS A 327 -5.96 -21.44 -0.05
CA CYS A 327 -6.84 -20.36 -0.45
C CYS A 327 -7.64 -20.72 -1.69
N SER A 328 -8.89 -20.27 -1.72
CA SER A 328 -9.78 -20.54 -2.85
C SER A 328 -9.36 -19.79 -4.11
N ASP A 329 -8.47 -18.82 -3.95
CA ASP A 329 -7.94 -18.01 -5.06
C ASP A 329 -6.67 -17.31 -4.62
N ASP A 330 -5.86 -16.89 -5.61
CA ASP A 330 -4.60 -16.20 -5.33
C ASP A 330 -4.83 -15.08 -4.34
N ILE A 331 -3.91 -14.93 -3.39
CA ILE A 331 -4.03 -13.86 -2.41
C ILE A 331 -2.64 -13.43 -1.96
N VAL A 332 -2.51 -12.14 -1.70
CA VAL A 332 -1.25 -11.57 -1.27
C VAL A 332 -0.95 -11.84 0.21
N MET A 333 0.31 -12.14 0.50
CA MET A 333 0.75 -12.32 1.88
C MET A 333 2.00 -11.49 2.12
N ASN A 334 2.05 -10.83 3.27
CA ASN A 334 3.21 -10.05 3.65
C ASN A 334 3.71 -10.63 4.96
N ILE A 335 5.04 -10.62 5.14
CA ILE A 335 5.65 -11.11 6.37
C ILE A 335 6.70 -10.10 6.82
N GLU A 336 6.54 -9.63 8.06
CA GLU A 336 7.47 -8.67 8.64
C GLU A 336 8.89 -9.23 8.66
N ILE A 337 9.85 -8.39 8.31
CA ILE A 337 11.24 -8.81 8.34
C ILE A 337 11.99 -7.92 9.33
N ASP A 338 12.67 -8.57 10.27
CA ASP A 338 13.43 -7.91 11.32
C ASP A 338 12.56 -7.02 12.21
N SER B 18 -21.15 -2.10 -20.65
CA SER B 18 -20.01 -2.89 -21.21
C SER B 18 -19.89 -2.64 -22.71
N GLU B 19 -20.92 -2.02 -23.27
CA GLU B 19 -20.98 -1.72 -24.70
C GLU B 19 -20.24 -0.45 -25.08
N LEU B 20 -20.47 0.64 -24.33
CA LEU B 20 -19.81 1.91 -24.62
C LEU B 20 -18.30 1.72 -24.71
N ILE B 21 -17.69 2.36 -25.70
CA ILE B 21 -16.26 2.26 -25.92
C ILE B 21 -15.46 2.99 -24.85
N GLU B 22 -14.48 2.29 -24.29
CA GLU B 22 -13.63 2.84 -23.26
C GLU B 22 -12.68 3.83 -23.95
N GLN B 23 -12.51 5.00 -23.33
CA GLN B 23 -11.65 6.02 -23.90
C GLN B 23 -10.67 6.62 -22.90
N VAL B 24 -9.51 7.01 -23.41
CA VAL B 24 -8.49 7.67 -22.61
C VAL B 24 -8.07 8.87 -23.44
N ILE B 25 -8.43 10.06 -22.97
CA ILE B 25 -8.13 11.29 -23.68
C ILE B 25 -6.94 12.04 -23.08
N GLU B 26 -5.90 12.25 -23.88
CA GLU B 26 -4.75 12.98 -23.41
C GLU B 26 -5.12 14.46 -23.45
N GLN B 27 -5.08 15.10 -22.29
CA GLN B 27 -5.44 16.50 -22.16
C GLN B 27 -4.22 17.41 -22.00
N PRO B 28 -4.39 18.71 -22.27
CA PRO B 28 -3.25 19.61 -22.11
C PRO B 28 -2.91 19.65 -20.62
N ASP B 29 -1.75 20.19 -20.28
CA ASP B 29 -1.33 20.25 -18.88
C ASP B 29 -2.20 21.12 -17.98
N SER B 30 -2.95 22.03 -18.58
CA SER B 30 -3.82 22.89 -17.79
C SER B 30 -5.19 22.99 -18.43
N LEU B 31 -6.22 22.78 -17.60
CA LEU B 31 -7.60 22.83 -18.07
C LEU B 31 -8.45 23.54 -17.03
N ILE B 32 -9.56 24.11 -17.50
CA ILE B 32 -10.48 24.77 -16.61
C ILE B 32 -11.72 23.89 -16.54
N ILE B 33 -11.98 23.36 -15.35
CA ILE B 33 -13.15 22.50 -15.15
C ILE B 33 -14.16 23.23 -14.28
N SER B 34 -15.38 23.36 -14.77
CA SER B 34 -16.42 24.02 -14.00
C SER B 34 -17.07 22.98 -13.10
N PRO B 35 -17.63 23.41 -11.95
CA PRO B 35 -18.27 22.45 -11.05
C PRO B 35 -19.47 21.80 -11.74
N PRO B 36 -19.79 20.55 -11.39
CA PRO B 36 -20.93 19.85 -12.00
C PRO B 36 -22.20 20.70 -11.99
N SER B 43 -26.48 16.45 -5.63
CA SER B 43 -26.33 16.00 -7.02
C SER B 43 -24.95 15.38 -7.19
N TYR B 44 -23.98 15.88 -6.44
CA TYR B 44 -22.63 15.34 -6.53
C TYR B 44 -21.87 15.49 -5.22
N ASN B 45 -20.81 14.71 -5.07
CA ASN B 45 -19.98 14.74 -3.88
C ASN B 45 -18.86 15.75 -4.05
N HIS B 46 -18.84 16.78 -3.20
CA HIS B 46 -17.78 17.80 -3.28
C HIS B 46 -16.67 17.43 -2.30
N ILE B 47 -15.46 17.31 -2.83
CA ILE B 47 -14.30 16.97 -2.00
C ILE B 47 -13.26 18.09 -2.06
N GLN B 48 -12.75 18.47 -0.89
CA GLN B 48 -11.73 19.51 -0.79
C GLN B 48 -10.62 18.98 0.11
N PRO B 49 -9.72 18.17 -0.47
CA PRO B 49 -8.61 17.55 0.23
C PRO B 49 -7.53 18.45 0.81
N PHE B 50 -7.35 19.63 0.25
CA PHE B 50 -6.29 20.50 0.70
C PHE B 50 -6.63 21.73 1.54
N VAL B 51 -7.85 21.81 2.05
CA VAL B 51 -8.22 22.96 2.85
C VAL B 51 -7.30 23.08 4.07
N TYR B 52 -6.75 21.96 4.53
CA TYR B 52 -5.88 21.99 5.71
C TYR B 52 -4.56 22.68 5.42
N LEU B 53 -4.29 22.90 4.14
CA LEU B 53 -3.07 23.59 3.70
C LEU B 53 -3.46 25.02 3.33
N GLU B 54 -4.74 25.20 3.03
CA GLU B 54 -5.29 26.51 2.65
C GLU B 54 -5.67 27.29 3.91
N ASN B 62 -16.86 22.60 10.53
CA ASN B 62 -16.23 21.33 10.25
C ASN B 62 -15.47 20.76 11.45
N HIS B 63 -15.97 19.64 11.98
CA HIS B 63 -15.35 18.98 13.12
C HIS B 63 -14.13 18.18 12.68
N ASN B 64 -12.97 18.80 12.79
CA ASN B 64 -11.71 18.17 12.40
C ASN B 64 -11.07 17.34 13.51
N VAL B 65 -10.56 16.17 13.13
CA VAL B 65 -9.91 15.27 14.07
C VAL B 65 -8.56 14.82 13.52
N LEU B 66 -7.55 14.78 14.37
CA LEU B 66 -6.23 14.32 13.96
C LEU B 66 -5.94 12.99 14.65
N LEU B 67 -5.74 11.94 13.85
CA LEU B 67 -5.43 10.61 14.37
C LEU B 67 -3.99 10.28 14.00
N ILE B 68 -3.16 10.05 15.02
CA ILE B 68 -1.74 9.77 14.82
C ILE B 68 -1.34 8.34 15.13
N LEU B 69 -0.95 7.59 14.09
CA LEU B 69 -0.52 6.21 14.24
C LEU B 69 1.00 6.18 14.46
N ASN B 70 1.57 4.98 14.59
CA ASN B 70 2.99 4.85 14.87
C ASN B 70 4.03 4.85 13.74
N GLN B 71 4.56 6.04 13.45
CA GLN B 71 5.60 6.25 12.44
C GLN B 71 6.14 7.67 12.64
N LYS B 72 7.38 7.90 12.24
CA LYS B 72 7.98 9.23 12.40
C LYS B 72 7.15 10.28 11.68
N ILE B 73 6.87 11.39 12.37
CA ILE B 73 6.07 12.48 11.81
C ILE B 73 6.90 13.41 10.93
N THR B 74 6.64 13.37 9.63
CA THR B 74 7.37 14.18 8.65
C THR B 74 6.67 15.49 8.30
N ILE B 75 5.35 15.48 8.24
CA ILE B 75 4.60 16.66 7.88
C ILE B 75 4.65 17.79 8.91
N ASP B 76 4.06 18.93 8.55
CA ASP B 76 4.00 20.09 9.43
C ASP B 76 2.91 19.79 10.45
N LEU B 77 3.26 19.04 11.49
CA LEU B 77 2.31 18.66 12.52
C LEU B 77 1.55 19.82 13.14
N ILE B 78 2.29 20.81 13.61
CA ILE B 78 1.70 21.97 14.27
C ILE B 78 0.61 22.68 13.49
N SER B 79 0.81 22.87 12.18
CA SER B 79 -0.20 23.55 11.39
C SER B 79 -1.51 22.76 11.35
N LEU B 80 -1.40 21.45 11.19
CA LEU B 80 -2.57 20.59 11.14
C LEU B 80 -3.26 20.54 12.52
N TRP B 81 -2.46 20.33 13.55
CA TRP B 81 -2.97 20.26 14.93
C TRP B 81 -3.85 21.48 15.21
N LYS B 82 -3.39 22.65 14.79
CA LYS B 82 -4.11 23.89 15.00
C LYS B 82 -5.51 23.91 14.40
N LYS B 83 -5.71 23.13 13.34
CA LYS B 83 -7.02 23.10 12.69
C LYS B 83 -7.91 21.97 13.19
N CYS B 84 -7.43 21.19 14.15
CA CYS B 84 -8.20 20.07 14.66
C CYS B 84 -8.80 20.30 16.05
N GLU B 85 -10.05 19.87 16.18
CA GLU B 85 -10.81 20.00 17.41
C GLU B 85 -10.39 18.94 18.43
N ILE B 86 -10.08 17.74 17.95
CA ILE B 86 -9.65 16.64 18.81
C ILE B 86 -8.46 15.93 18.18
N ILE B 87 -7.54 15.47 19.03
CA ILE B 87 -6.36 14.76 18.57
C ILE B 87 -6.27 13.44 19.32
N VAL B 88 -6.13 12.34 18.58
CA VAL B 88 -6.03 11.01 19.18
C VAL B 88 -4.76 10.29 18.72
N CYS B 89 -4.06 9.68 19.67
CA CYS B 89 -2.86 8.92 19.34
C CYS B 89 -3.18 7.44 19.50
N ALA B 90 -2.87 6.67 18.47
CA ALA B 90 -3.09 5.23 18.51
C ALA B 90 -1.82 4.58 19.03
N ASP B 91 -1.82 4.24 20.31
CA ASP B 91 -0.69 3.59 20.97
C ASP B 91 0.67 4.25 20.67
N GLY B 92 1.51 3.53 19.93
CA GLY B 92 2.83 4.04 19.57
C GLY B 92 2.80 5.41 18.94
N GLY B 93 1.66 5.79 18.39
CA GLY B 93 1.52 7.10 17.78
C GLY B 93 1.88 8.18 18.79
N ALA B 94 1.76 7.86 20.08
CA ALA B 94 2.09 8.82 21.13
C ALA B 94 3.60 9.06 21.17
N ASN B 95 4.38 8.01 20.88
CA ASN B 95 5.83 8.14 20.85
C ASN B 95 6.18 9.06 19.69
N SER B 96 5.57 8.80 18.54
CA SER B 96 5.79 9.60 17.34
C SER B 96 5.55 11.07 17.63
N LEU B 97 4.50 11.36 18.38
CA LEU B 97 4.18 12.74 18.73
C LEU B 97 5.23 13.30 19.70
N TYR B 98 5.60 12.51 20.70
CA TYR B 98 6.58 12.89 21.70
C TYR B 98 7.94 13.14 21.04
N GLU B 99 8.41 12.15 20.28
CA GLU B 99 9.71 12.22 19.60
C GLU B 99 9.82 13.28 18.52
N TYR B 100 8.69 13.91 18.20
CA TYR B 100 8.66 14.95 17.18
C TYR B 100 9.28 16.25 17.69
N PHE B 101 9.17 16.46 19.00
CA PHE B 101 9.68 17.66 19.63
C PHE B 101 11.14 17.54 20.09
N ASN B 102 11.77 16.42 19.77
CA ASN B 102 13.16 16.23 20.15
C ASN B 102 14.07 17.20 19.39
N LEU B 113 6.95 24.62 19.42
CA LEU B 113 8.29 24.61 19.98
C LEU B 113 8.31 24.05 21.41
N GLN B 114 7.12 23.82 21.96
CA GLN B 114 6.99 23.27 23.30
C GLN B 114 6.07 22.05 23.29
N ARG B 115 6.65 20.89 23.56
CA ARG B 115 5.91 19.63 23.58
C ARG B 115 4.65 19.70 24.44
N SER B 116 4.77 20.32 25.61
CA SER B 116 3.66 20.44 26.54
C SER B 116 2.44 21.19 26.01
N ASP B 117 2.61 21.92 24.91
CA ASP B 117 1.49 22.66 24.34
C ASP B 117 0.64 21.81 23.39
N TYR B 118 1.06 20.57 23.16
CA TYR B 118 0.32 19.68 22.27
C TYR B 118 0.04 18.33 22.93
N ILE B 119 -0.92 18.34 23.83
CA ILE B 119 -1.33 17.13 24.55
C ILE B 119 -2.50 16.51 23.80
N PRO B 120 -2.39 15.22 23.46
CA PRO B 120 -3.47 14.55 22.74
C PRO B 120 -4.67 14.30 23.67
N ASP B 121 -5.87 14.50 23.14
CA ASP B 121 -7.10 14.31 23.92
C ASP B 121 -7.21 12.85 24.37
N TYR B 122 -6.93 11.92 23.48
CA TYR B 122 -7.01 10.49 23.78
C TYR B 122 -5.75 9.74 23.31
N ILE B 123 -5.41 8.67 24.01
CA ILE B 123 -4.31 7.79 23.65
C ILE B 123 -5.00 6.44 23.79
N VAL B 124 -5.20 5.77 22.67
CA VAL B 124 -5.91 4.50 22.61
C VAL B 124 -5.09 3.33 22.05
N GLY B 125 -5.34 2.13 22.56
CA GLY B 125 -4.63 0.97 22.08
C GLY B 125 -4.33 -0.09 23.13
N ASP B 126 -3.68 -1.16 22.71
CA ASP B 126 -3.32 -2.24 23.62
C ASP B 126 -2.05 -1.83 24.37
N PHE B 127 -1.44 -0.76 23.88
CA PHE B 127 -0.22 -0.19 24.47
C PHE B 127 1.01 -1.10 24.50
N ASP B 128 1.29 -1.74 23.38
CA ASP B 128 2.46 -2.61 23.30
C ASP B 128 3.64 -1.83 22.70
N SER B 129 3.32 -0.70 22.07
CA SER B 129 4.34 0.13 21.43
C SER B 129 4.69 1.40 22.20
N ILE B 130 3.69 2.04 22.80
CA ILE B 130 3.95 3.25 23.56
C ILE B 130 4.94 2.95 24.67
N SER B 131 5.89 3.87 24.90
CA SER B 131 6.89 3.69 25.93
C SER B 131 6.43 4.29 27.25
N PRO B 132 6.75 3.63 28.38
CA PRO B 132 6.36 4.12 29.71
C PRO B 132 6.66 5.60 29.95
N ASP B 133 7.82 6.05 29.50
CA ASP B 133 8.21 7.44 29.64
C ASP B 133 7.17 8.34 28.96
N VAL B 134 6.89 8.04 27.70
CA VAL B 134 5.91 8.81 26.93
C VAL B 134 4.54 8.67 27.58
N LYS B 135 4.18 7.45 27.93
CA LYS B 135 2.90 7.15 28.55
C LYS B 135 2.72 7.99 29.82
N THR B 136 3.75 8.01 30.66
CA THR B 136 3.71 8.78 31.89
C THR B 136 3.58 10.27 31.60
N TYR B 137 4.37 10.75 30.64
CA TYR B 137 4.35 12.17 30.28
C TYR B 137 2.97 12.69 29.94
N TYR B 138 2.32 12.10 28.95
CA TYR B 138 0.99 12.55 28.53
C TYR B 138 -0.07 12.27 29.58
N GLU B 139 0.07 11.17 30.31
CA GLU B 139 -0.85 10.82 31.37
C GLU B 139 -0.88 11.98 32.36
N SER B 140 0.30 12.39 32.82
CA SER B 140 0.42 13.49 33.77
C SER B 140 -0.08 14.80 33.18
N HIS B 141 -0.15 14.90 31.86
CA HIS B 141 -0.61 16.13 31.24
C HIS B 141 -2.09 16.13 30.89
N GLY B 142 -2.81 15.10 31.31
CA GLY B 142 -4.23 15.06 31.05
C GLY B 142 -4.76 14.30 29.86
N SER B 143 -3.93 13.58 29.12
CA SER B 143 -4.44 12.82 27.98
C SER B 143 -5.36 11.73 28.53
N LYS B 144 -6.49 11.51 27.88
CA LYS B 144 -7.42 10.47 28.32
C LYS B 144 -6.91 9.12 27.80
N ILE B 145 -6.48 8.28 28.72
CA ILE B 145 -5.93 6.97 28.38
C ILE B 145 -6.99 5.88 28.29
N ILE B 146 -7.14 5.29 27.10
CA ILE B 146 -8.12 4.22 26.92
C ILE B 146 -7.46 2.95 26.42
N ARG B 147 -7.11 2.07 27.36
CA ARG B 147 -6.48 0.80 27.04
C ARG B 147 -7.54 -0.20 26.56
N GLN B 148 -7.22 -0.90 25.48
CA GLN B 148 -8.09 -1.92 24.89
C GLN B 148 -7.15 -3.06 24.52
N SER B 149 -7.22 -4.16 25.25
CA SER B 149 -6.33 -5.29 25.00
C SER B 149 -6.78 -6.24 23.89
N SER B 150 -7.98 -6.02 23.36
CA SER B 150 -8.49 -6.90 22.31
C SER B 150 -7.50 -7.18 21.18
N GLN B 151 -7.31 -8.45 20.88
CA GLN B 151 -6.42 -8.86 19.81
C GLN B 151 -7.19 -9.12 18.53
N TYR B 152 -8.40 -8.56 18.44
CA TYR B 152 -9.26 -8.74 17.29
C TYR B 152 -9.59 -7.42 16.57
N TYR B 153 -9.05 -6.32 17.09
CA TYR B 153 -9.25 -4.98 16.51
C TYR B 153 -7.87 -4.33 16.63
N ASN B 154 -7.43 -3.57 15.63
CA ASN B 154 -6.13 -2.93 15.76
C ASN B 154 -6.24 -1.56 16.40
N ASP B 155 -5.10 -0.90 16.61
CA ASP B 155 -5.09 0.41 17.25
C ASP B 155 -5.85 1.45 16.46
N PHE B 156 -5.89 1.26 15.14
CA PHE B 156 -6.58 2.19 14.25
C PHE B 156 -8.09 2.12 14.48
N THR B 157 -8.67 0.93 14.36
CA THR B 157 -10.11 0.75 14.54
C THR B 157 -10.54 1.13 15.95
N LYS B 158 -9.70 0.81 16.94
CA LYS B 158 -10.02 1.15 18.32
C LYS B 158 -10.06 2.68 18.45
N SER B 159 -9.13 3.36 17.79
CA SER B 159 -9.07 4.81 17.84
C SER B 159 -10.28 5.43 17.13
N ILE B 160 -10.70 4.80 16.04
CA ILE B 160 -11.85 5.28 15.28
C ILE B 160 -13.12 5.18 16.15
N HIS B 161 -13.26 4.05 16.84
CA HIS B 161 -14.41 3.84 17.73
C HIS B 161 -14.41 4.91 18.82
N CYS B 162 -13.22 5.20 19.34
CA CYS B 162 -13.08 6.21 20.39
C CYS B 162 -13.54 7.57 19.89
N ILE B 163 -13.14 7.90 18.67
CA ILE B 163 -13.51 9.16 18.04
C ILE B 163 -15.03 9.25 17.86
N GLN B 164 -15.63 8.19 17.35
CA GLN B 164 -17.07 8.16 17.12
C GLN B 164 -17.84 8.25 18.45
N LEU B 165 -17.35 7.55 19.46
CA LEU B 165 -17.99 7.55 20.77
C LEU B 165 -17.81 8.90 21.46
N HIS B 166 -16.68 9.56 21.20
CA HIS B 166 -16.42 10.87 21.78
C HIS B 166 -17.51 11.86 21.38
N TYR B 167 -17.79 11.95 20.08
CA TYR B 167 -18.80 12.87 19.59
C TYR B 167 -20.22 12.46 19.98
N GLN B 168 -20.34 11.33 20.66
CA GLN B 168 -21.65 10.83 21.09
C GLN B 168 -21.89 11.00 22.59
N LEU B 169 -20.85 10.76 23.38
CA LEU B 169 -20.97 10.82 24.83
C LEU B 169 -20.15 11.87 25.57
N ASN B 170 -19.10 12.40 24.94
CA ASN B 170 -18.26 13.37 25.62
C ASN B 170 -18.93 14.64 26.10
N HIS B 171 -19.75 15.25 25.26
CA HIS B 171 -20.43 16.48 25.64
C HIS B 171 -21.35 16.24 26.84
N THR B 172 -21.77 14.99 27.02
CA THR B 172 -22.65 14.63 28.12
C THR B 172 -21.84 14.19 29.34
N LYS B 173 -20.73 13.52 29.11
CA LYS B 173 -19.88 13.03 30.19
C LYS B 173 -18.40 13.07 29.78
N GLU B 174 -17.63 13.88 30.49
CA GLU B 174 -16.21 14.05 30.21
C GLU B 174 -15.37 12.78 30.35
N ASN B 175 -15.73 11.92 31.30
CA ASN B 175 -14.98 10.68 31.50
C ASN B 175 -15.83 9.46 31.14
N TRP B 176 -16.52 9.57 30.01
CA TRP B 176 -17.38 8.50 29.51
C TRP B 176 -16.63 7.20 29.28
N PHE B 177 -15.34 7.31 28.99
CA PHE B 177 -14.49 6.15 28.70
C PHE B 177 -14.08 5.37 29.94
N GLU B 178 -14.23 5.99 31.11
CA GLU B 178 -13.84 5.36 32.34
C GLU B 178 -14.66 4.12 32.67
N SER B 179 -13.97 3.14 33.24
CA SER B 179 -14.56 1.88 33.67
C SER B 179 -15.21 1.01 32.60
N ILE B 180 -14.97 1.31 31.33
CA ILE B 180 -15.55 0.50 30.26
C ILE B 180 -14.70 -0.76 30.16
N ASP B 181 -15.23 -1.79 29.50
CA ASP B 181 -14.51 -3.05 29.35
C ASP B 181 -13.14 -2.78 28.71
N GLU B 182 -12.09 -3.21 29.39
CA GLU B 182 -10.71 -2.99 28.94
C GLU B 182 -10.26 -3.87 27.78
N VAL B 183 -11.09 -4.85 27.39
CA VAL B 183 -10.71 -5.72 26.28
C VAL B 183 -11.24 -5.14 24.97
N ASP B 184 -12.55 -4.99 24.87
CA ASP B 184 -13.17 -4.46 23.66
C ASP B 184 -14.39 -3.59 23.98
N GLY B 185 -14.32 -2.88 25.10
CA GLY B 185 -15.42 -2.01 25.50
C GLY B 185 -15.84 -0.98 24.46
N LEU B 186 -14.86 -0.38 23.79
CA LEU B 186 -15.16 0.62 22.77
C LEU B 186 -15.95 -0.02 21.62
N ALA B 187 -15.53 -1.22 21.22
CA ALA B 187 -16.16 -1.94 20.13
C ALA B 187 -17.61 -2.33 20.44
N LYS B 188 -17.84 -2.79 21.67
CA LYS B 188 -19.18 -3.20 22.07
C LYS B 188 -20.07 -1.98 22.32
N LEU B 189 -19.51 -0.97 22.97
CA LEU B 189 -20.25 0.25 23.26
C LEU B 189 -20.68 0.99 22.00
N TRP B 190 -19.87 0.93 20.96
CA TRP B 190 -20.20 1.61 19.71
C TRP B 190 -21.33 0.92 18.95
N ASN B 191 -20.98 -0.03 18.09
CA ASN B 191 -21.96 -0.74 17.29
C ASN B 191 -23.10 -1.31 18.14
N GLY B 192 -22.82 -1.53 19.42
CA GLY B 192 -23.84 -2.06 20.30
C GLY B 192 -24.86 -1.00 20.69
N LEU B 193 -24.59 0.23 20.27
CA LEU B 193 -25.46 1.36 20.54
C LEU B 193 -25.79 2.07 19.23
N ASN B 194 -25.06 1.71 18.18
CA ASN B 194 -25.25 2.29 16.85
C ASN B 194 -26.60 1.86 16.31
N ASN B 195 -27.37 1.15 17.14
CA ASN B 195 -28.69 0.68 16.75
C ASN B 195 -29.79 1.58 17.29
N SER B 196 -30.54 2.19 16.37
CA SER B 196 -31.65 3.09 16.69
C SER B 196 -31.91 3.26 18.18
N SER B 197 -31.11 4.11 18.82
CA SER B 197 -31.27 4.37 20.26
C SER B 197 -30.77 5.74 20.68
N ASP B 198 -29.49 5.83 21.03
CA ASP B 198 -28.91 7.09 21.47
C ASP B 198 -28.13 7.81 20.38
N VAL B 199 -27.59 7.04 19.44
CA VAL B 199 -26.79 7.60 18.34
C VAL B 199 -27.42 8.80 17.65
N VAL B 200 -26.56 9.72 17.22
CA VAL B 200 -26.99 10.91 16.49
C VAL B 200 -26.34 10.86 15.11
N VAL B 201 -27.01 10.18 14.19
CA VAL B 201 -26.53 10.00 12.82
C VAL B 201 -26.06 11.27 12.12
N ASP B 202 -26.60 12.41 12.52
CA ASP B 202 -26.23 13.67 11.89
C ASP B 202 -25.04 14.39 12.54
N ILE B 203 -23.84 14.09 12.05
CA ILE B 203 -22.63 14.71 12.56
C ILE B 203 -21.48 14.61 11.55
N ASP B 204 -21.17 15.73 10.91
CA ASP B 204 -20.11 15.80 9.91
C ASP B 204 -18.73 15.85 10.55
N ILE B 205 -17.94 14.81 10.31
CA ILE B 205 -16.59 14.73 10.86
C ILE B 205 -15.57 14.51 9.76
N THR B 206 -14.40 15.10 9.95
CA THR B 206 -13.30 14.95 9.01
C THR B 206 -12.12 14.45 9.82
N ILE B 207 -11.64 13.25 9.50
CA ILE B 207 -10.53 12.69 10.22
C ILE B 207 -9.26 12.67 9.38
N TYR B 208 -8.21 13.31 9.89
CA TYR B 208 -6.91 13.32 9.22
C TYR B 208 -6.06 12.26 9.89
N VAL B 209 -5.68 11.23 9.13
CA VAL B 209 -4.89 10.15 9.68
C VAL B 209 -3.43 10.19 9.22
N LEU B 210 -2.52 10.17 10.20
CA LEU B 210 -1.08 10.18 9.94
C LEU B 210 -0.48 8.81 10.23
N ASN B 211 0.57 8.47 9.50
CA ASN B 211 1.30 7.22 9.71
C ASN B 211 0.53 5.91 9.51
N ALA B 212 -0.58 5.95 8.77
CA ALA B 212 -1.38 4.74 8.55
C ALA B 212 -0.99 4.01 7.26
N ILE B 213 -0.24 4.68 6.40
CA ILE B 213 0.18 4.11 5.12
C ILE B 213 1.70 4.13 4.95
N GLY B 214 2.23 3.16 4.18
CA GLY B 214 3.66 3.12 3.94
C GLY B 214 4.47 2.25 4.86
N GLY B 215 3.90 1.90 6.01
CA GLY B 215 4.61 1.05 6.96
C GLY B 215 4.44 -0.42 6.60
N ARG B 216 4.09 -1.25 7.57
CA ARG B 216 3.90 -2.67 7.30
C ARG B 216 2.71 -2.75 6.34
N PHE B 217 2.87 -3.52 5.26
CA PHE B 217 1.83 -3.63 4.26
C PHE B 217 0.45 -4.08 4.72
N ASP B 218 0.37 -5.01 5.66
CA ASP B 218 -0.95 -5.45 6.14
C ASP B 218 -1.67 -4.31 6.87
N GLN B 219 -0.92 -3.40 7.47
CA GLN B 219 -1.52 -2.27 8.18
C GLN B 219 -2.06 -1.27 7.15
N THR B 220 -1.34 -1.15 6.03
CA THR B 220 -1.75 -0.25 4.96
C THR B 220 -3.06 -0.74 4.38
N VAL B 221 -3.16 -2.05 4.17
CA VAL B 221 -4.37 -2.61 3.61
C VAL B 221 -5.55 -2.56 4.57
N GLN B 222 -5.29 -2.83 5.86
CA GLN B 222 -6.38 -2.79 6.83
C GLN B 222 -6.93 -1.36 6.87
N SER B 223 -6.04 -0.38 6.76
CA SER B 223 -6.44 1.02 6.76
C SER B 223 -7.35 1.33 5.58
N ILE B 224 -6.98 0.84 4.40
CA ILE B 224 -7.80 1.07 3.22
C ILE B 224 -9.12 0.32 3.34
N ASN B 225 -9.08 -0.87 3.92
CA ASN B 225 -10.28 -1.68 4.12
C ASN B 225 -11.26 -0.88 4.99
N GLN B 226 -10.77 -0.38 6.12
CA GLN B 226 -11.60 0.41 7.01
C GLN B 226 -12.13 1.67 6.31
N LEU B 227 -11.32 2.27 5.44
CA LEU B 227 -11.73 3.46 4.69
C LEU B 227 -13.04 3.14 3.95
N TYR B 228 -13.06 2.00 3.26
CA TYR B 228 -14.25 1.58 2.51
C TYR B 228 -15.42 1.29 3.44
N ILE B 229 -15.17 0.48 4.46
CA ILE B 229 -16.18 0.09 5.44
C ILE B 229 -16.81 1.31 6.10
N MET B 230 -15.98 2.24 6.55
CA MET B 230 -16.47 3.44 7.21
C MET B 230 -17.38 4.27 6.35
N ASN B 231 -17.09 4.35 5.06
CA ASN B 231 -17.93 5.16 4.19
C ASN B 231 -19.34 4.60 3.98
N GLU B 232 -19.44 3.28 3.88
CA GLU B 232 -20.74 2.66 3.67
C GLU B 232 -21.57 2.69 4.95
N ASP B 233 -20.88 2.63 6.10
CA ASP B 233 -21.56 2.65 7.38
C ASP B 233 -21.74 4.05 7.95
N TYR B 234 -20.75 4.90 7.74
CA TYR B 234 -20.78 6.28 8.24
C TYR B 234 -20.39 7.26 7.15
N PRO B 235 -21.28 7.47 6.17
CA PRO B 235 -21.07 8.36 5.04
C PRO B 235 -20.71 9.82 5.34
N LYS B 236 -21.11 10.34 6.51
CA LYS B 236 -20.79 11.73 6.85
C LYS B 236 -19.42 11.88 7.50
N VAL B 237 -18.70 10.77 7.63
CA VAL B 237 -17.35 10.81 8.18
C VAL B 237 -16.44 10.80 6.98
N THR B 238 -15.65 11.86 6.81
CA THR B 238 -14.72 11.95 5.69
C THR B 238 -13.32 11.71 6.21
N VAL B 239 -12.65 10.72 5.63
CA VAL B 239 -11.31 10.38 6.05
C VAL B 239 -10.24 10.76 5.02
N PHE B 240 -9.15 11.34 5.52
CA PHE B 240 -8.02 11.72 4.67
C PHE B 240 -6.75 11.15 5.27
N PHE B 241 -6.08 10.27 4.52
CA PHE B 241 -4.83 9.70 4.97
C PHE B 241 -3.73 10.63 4.43
N ILE B 242 -2.98 11.26 5.32
CA ILE B 242 -1.90 12.16 4.91
C ILE B 242 -0.60 11.40 5.13
N THR B 243 0.13 11.13 4.05
CA THR B 243 1.38 10.39 4.16
C THR B 243 2.55 11.26 3.72
N THR B 244 3.73 10.66 3.73
CA THR B 244 4.95 11.34 3.34
C THR B 244 4.90 11.71 1.85
N ASN B 245 4.16 10.92 1.08
CA ASN B 245 4.09 11.13 -0.35
C ASN B 245 2.79 11.70 -0.94
N ASP B 246 1.64 11.37 -0.37
CA ASP B 246 0.38 11.88 -0.90
C ASP B 246 -0.74 11.94 0.12
N ILE B 247 -1.92 12.35 -0.37
CA ILE B 247 -3.11 12.38 0.45
C ILE B 247 -3.99 11.34 -0.22
N ILE B 248 -4.61 10.48 0.58
CA ILE B 248 -5.45 9.41 0.07
C ILE B 248 -6.85 9.52 0.64
N PHE B 249 -7.84 9.40 -0.21
CA PHE B 249 -9.23 9.52 0.21
C PHE B 249 -10.12 8.67 -0.69
N LEU B 250 -11.42 8.68 -0.41
CA LEU B 250 -12.36 7.88 -1.18
C LEU B 250 -13.28 8.70 -2.07
N LEU B 251 -13.47 8.26 -3.31
CA LEU B 251 -14.39 8.91 -4.24
C LEU B 251 -15.67 8.12 -4.04
N LYS B 252 -16.80 8.82 -3.93
CA LYS B 252 -18.08 8.14 -3.72
C LYS B 252 -18.81 7.78 -5.00
N LYS B 253 -19.52 6.66 -4.95
CA LYS B 253 -20.31 6.20 -6.09
C LYS B 253 -21.02 7.42 -6.65
N GLY B 254 -20.91 7.63 -7.95
CA GLY B 254 -21.54 8.78 -8.57
C GLY B 254 -20.53 9.85 -8.92
N VAL B 255 -21.00 11.08 -9.05
CA VAL B 255 -20.16 12.21 -9.42
C VAL B 255 -19.40 12.81 -8.25
N ASN B 256 -18.12 13.05 -8.48
CA ASN B 256 -17.26 13.64 -7.47
C ASN B 256 -16.57 14.86 -8.08
N TYR B 257 -16.56 15.95 -7.34
CA TYR B 257 -15.90 17.16 -7.79
C TYR B 257 -14.84 17.48 -6.75
N ILE B 258 -13.58 17.40 -7.16
CA ILE B 258 -12.45 17.69 -6.27
C ILE B 258 -11.97 19.09 -6.61
N SER B 259 -11.99 19.99 -5.63
CA SER B 259 -11.55 21.37 -5.88
C SER B 259 -10.46 21.83 -4.92
N TYR B 260 -9.78 22.90 -5.32
CA TYR B 260 -8.70 23.51 -4.56
C TYR B 260 -8.45 24.89 -5.16
N LYS B 261 -7.76 25.77 -4.44
CA LYS B 261 -7.50 27.12 -4.94
C LYS B 261 -6.65 27.03 -6.20
N ASN B 262 -5.58 26.25 -6.13
CA ASN B 262 -4.69 26.02 -7.25
C ASN B 262 -3.79 24.86 -6.92
N ARG B 263 -3.23 24.22 -7.95
CA ARG B 263 -2.36 23.08 -7.74
C ARG B 263 -1.08 23.46 -6.99
N LEU B 264 -0.81 24.75 -6.93
CA LEU B 264 0.38 25.25 -6.24
C LEU B 264 0.32 25.00 -4.74
N MET B 265 -0.89 24.92 -4.19
CA MET B 265 -1.02 24.69 -2.76
C MET B 265 -0.44 23.35 -2.34
N PHE B 266 -0.50 22.35 -3.22
CA PHE B 266 0.03 21.03 -2.88
C PHE B 266 1.11 20.50 -3.81
N HIS B 267 1.48 21.29 -4.81
CA HIS B 267 2.52 20.86 -5.74
C HIS B 267 3.49 22.01 -6.01
N LYS B 268 4.63 21.99 -5.32
CA LYS B 268 5.64 23.03 -5.50
C LYS B 268 5.95 23.24 -6.99
N ASP B 269 6.11 24.50 -7.37
CA ASP B 269 6.38 24.86 -8.76
C ASP B 269 7.61 24.17 -9.35
N SER B 272 10.51 18.76 -11.12
CA SER B 272 10.71 18.07 -12.39
C SER B 272 9.40 18.02 -13.19
N SER B 273 8.32 17.62 -12.53
CA SER B 273 7.02 17.53 -13.19
C SER B 273 6.18 18.78 -12.95
N PRO B 274 5.59 19.35 -14.02
CA PRO B 274 4.76 20.56 -13.95
C PRO B 274 3.41 20.36 -13.26
N THR B 275 2.89 19.13 -13.30
CA THR B 275 1.59 18.85 -12.68
C THR B 275 1.68 17.71 -11.68
N PRO B 276 0.78 17.72 -10.68
CA PRO B 276 0.76 16.67 -9.66
C PRO B 276 0.23 15.33 -10.13
N THR B 277 0.88 14.27 -9.69
CA THR B 277 0.52 12.90 -10.02
C THR B 277 -0.66 12.42 -9.19
N CYS B 278 -1.38 11.42 -9.68
CA CYS B 278 -2.51 10.86 -8.95
C CYS B 278 -2.86 9.48 -9.49
N GLY B 279 -3.72 8.77 -8.75
CA GLY B 279 -4.14 7.45 -9.15
C GLY B 279 -5.55 7.15 -8.65
N LEU B 280 -6.24 6.25 -9.34
CA LEU B 280 -7.61 5.83 -8.98
C LEU B 280 -7.43 4.33 -8.75
N LEU B 281 -7.58 3.91 -7.49
CA LEU B 281 -7.34 2.54 -7.11
C LEU B 281 -8.57 1.73 -6.69
N PRO B 282 -8.97 0.75 -7.52
CA PRO B 282 -10.14 -0.11 -7.28
C PRO B 282 -9.81 -1.22 -6.30
N LEU B 283 -9.78 -0.88 -5.01
CA LEU B 283 -9.42 -1.85 -3.98
C LEU B 283 -10.57 -2.45 -3.15
N SER B 284 -11.79 -2.40 -3.66
CA SER B 284 -12.92 -2.98 -2.91
C SER B 284 -13.38 -4.27 -3.58
N ASN B 285 -14.39 -4.90 -3.00
CA ASN B 285 -14.94 -6.15 -3.53
C ASN B 285 -16.01 -5.90 -4.60
N LYS B 286 -16.18 -4.63 -4.97
CA LYS B 286 -17.15 -4.25 -6.00
C LYS B 286 -16.32 -3.97 -7.24
N THR B 287 -16.42 -4.87 -8.22
CA THR B 287 -15.63 -4.71 -9.43
C THR B 287 -16.38 -5.25 -10.65
N PRO B 288 -16.15 -4.66 -11.83
CA PRO B 288 -15.26 -3.52 -12.07
C PRO B 288 -15.92 -2.17 -11.76
N ILE B 289 -15.11 -1.11 -11.79
CA ILE B 289 -15.58 0.24 -11.54
C ILE B 289 -15.47 0.98 -12.87
N ILE B 290 -16.55 1.63 -13.30
CA ILE B 290 -16.48 2.38 -14.54
C ILE B 290 -16.19 3.83 -14.16
N LEU B 291 -15.17 4.40 -14.80
CA LEU B 291 -14.77 5.77 -14.51
C LEU B 291 -14.99 6.73 -15.69
N ASN B 292 -15.28 7.97 -15.33
CA ASN B 292 -15.47 9.07 -16.27
C ASN B 292 -14.85 10.29 -15.62
N SER B 293 -13.69 10.72 -16.13
CA SER B 293 -13.04 11.88 -15.54
C SER B 293 -12.95 13.06 -16.48
N TYR B 294 -12.88 14.24 -15.88
CA TYR B 294 -12.78 15.50 -16.62
C TYR B 294 -11.79 16.36 -15.84
N GLY B 295 -10.57 16.49 -16.35
CA GLY B 295 -9.58 17.31 -15.65
C GLY B 295 -8.27 16.62 -15.33
N LEU B 296 -8.17 15.34 -15.65
CA LEU B 296 -6.93 14.62 -15.41
C LEU B 296 -6.13 14.65 -16.72
N LYS B 297 -4.83 14.39 -16.66
CA LYS B 297 -3.98 14.38 -17.85
C LYS B 297 -4.45 13.31 -18.82
N TYR B 298 -4.78 12.15 -18.28
CA TYR B 298 -5.30 11.05 -19.09
C TYR B 298 -6.73 10.85 -18.61
N ASP B 299 -7.65 11.61 -19.19
CA ASP B 299 -9.05 11.53 -18.79
C ASP B 299 -9.67 10.24 -19.31
N MET B 300 -10.56 9.67 -18.50
CA MET B 300 -11.21 8.42 -18.85
C MET B 300 -12.70 8.58 -19.16
N ARG B 301 -13.20 7.75 -20.07
CA ARG B 301 -14.61 7.77 -20.44
C ARG B 301 -15.06 6.32 -20.60
N ASN B 302 -16.10 5.93 -19.87
CA ASN B 302 -16.62 4.56 -19.96
C ASN B 302 -15.49 3.57 -19.67
N TRP B 303 -14.49 4.01 -18.91
CA TRP B 303 -13.30 3.20 -18.61
C TRP B 303 -13.46 2.25 -17.41
N LYS B 304 -13.38 0.96 -17.69
CA LYS B 304 -13.52 -0.07 -16.66
C LYS B 304 -12.21 -0.38 -15.95
N THR B 305 -12.18 -0.18 -14.63
CA THR B 305 -10.98 -0.41 -13.84
C THR B 305 -11.20 -1.52 -12.80
N GLU B 306 -10.17 -2.33 -12.57
CA GLU B 306 -10.27 -3.42 -11.60
C GLU B 306 -8.89 -3.99 -11.36
N MET B 307 -8.67 -4.58 -10.19
CA MET B 307 -7.40 -5.22 -9.92
C MET B 307 -7.42 -6.45 -10.84
N LEU B 308 -6.24 -6.82 -11.35
CA LEU B 308 -6.11 -7.94 -12.31
C LEU B 308 -6.58 -7.43 -13.67
N GLY B 309 -6.69 -6.12 -13.79
CA GLY B 309 -7.11 -5.50 -15.03
C GLY B 309 -6.36 -4.20 -15.22
N GLN B 310 -7.02 -3.20 -15.80
CA GLN B 310 -6.37 -1.91 -15.99
C GLN B 310 -6.63 -1.00 -14.80
N VAL B 311 -5.56 -0.35 -14.33
CA VAL B 311 -5.65 0.57 -13.20
C VAL B 311 -4.94 1.85 -13.55
N SER B 312 -5.59 2.97 -13.28
CA SER B 312 -5.00 4.25 -13.58
C SER B 312 -4.02 4.69 -12.50
N SER B 313 -2.73 4.65 -12.83
CA SER B 313 -1.69 5.09 -11.90
C SER B 313 -0.79 6.02 -12.70
N SER B 314 -0.05 6.87 -12.01
CA SER B 314 0.81 7.84 -12.67
C SER B 314 -0.02 8.75 -13.57
N ASN B 315 -1.25 9.01 -13.18
CA ASN B 315 -2.09 9.92 -13.94
C ASN B 315 -1.68 11.29 -13.38
N ARG B 316 -2.20 12.36 -13.96
CA ARG B 316 -1.85 13.69 -13.47
C ARG B 316 -3.05 14.61 -13.48
N ILE B 317 -2.97 15.67 -12.69
CA ILE B 317 -4.07 16.62 -12.60
C ILE B 317 -3.85 17.83 -13.50
N SER B 318 -4.77 18.03 -14.44
CA SER B 318 -4.72 19.15 -15.37
C SER B 318 -5.63 20.30 -14.91
N GLY B 319 -6.67 19.97 -14.16
CA GLY B 319 -7.58 21.01 -13.68
C GLY B 319 -6.88 22.02 -12.79
N GLU B 320 -6.92 23.29 -13.18
CA GLU B 320 -6.27 24.35 -12.41
C GLU B 320 -6.91 24.57 -11.05
N THR B 321 -8.24 24.51 -10.99
CA THR B 321 -8.95 24.73 -9.74
C THR B 321 -9.74 23.51 -9.28
N GLY B 322 -9.69 22.44 -10.07
CA GLY B 322 -10.42 21.24 -9.69
C GLY B 322 -10.64 20.31 -10.86
N PHE B 323 -11.19 19.14 -10.56
CA PHE B 323 -11.49 18.14 -11.59
C PHE B 323 -12.67 17.28 -11.16
N ILE B 324 -13.25 16.56 -12.12
CA ILE B 324 -14.40 15.71 -11.84
C ILE B 324 -14.11 14.24 -12.12
N VAL B 325 -14.60 13.38 -11.24
CA VAL B 325 -14.47 11.94 -11.44
C VAL B 325 -15.79 11.31 -11.09
N GLU B 326 -16.40 10.63 -12.05
CA GLU B 326 -17.65 9.94 -11.78
C GLU B 326 -17.27 8.47 -11.70
N CYS B 327 -17.85 7.75 -10.74
CA CYS B 327 -17.54 6.33 -10.60
C CYS B 327 -18.79 5.51 -10.30
N SER B 328 -18.84 4.31 -10.85
CA SER B 328 -20.00 3.42 -10.67
C SER B 328 -20.05 2.86 -9.24
N ASP B 329 -18.96 3.02 -8.50
CA ASP B 329 -18.86 2.54 -7.12
C ASP B 329 -17.69 3.25 -6.43
N ASP B 330 -17.74 3.31 -5.10
CA ASP B 330 -16.68 3.96 -4.33
C ASP B 330 -15.32 3.48 -4.81
N ILE B 331 -14.37 4.38 -4.90
CA ILE B 331 -13.02 4.02 -5.32
C ILE B 331 -12.00 4.94 -4.67
N VAL B 332 -10.84 4.39 -4.33
CA VAL B 332 -9.78 5.14 -3.70
C VAL B 332 -9.03 6.03 -4.68
N MET B 333 -8.65 7.22 -4.22
CA MET B 333 -7.85 8.14 -5.03
C MET B 333 -6.73 8.70 -4.17
N ASN B 334 -5.53 8.74 -4.73
CA ASN B 334 -4.40 9.32 -4.04
C ASN B 334 -3.92 10.49 -4.91
N ILE B 335 -3.40 11.52 -4.26
CA ILE B 335 -2.88 12.69 -4.97
C ILE B 335 -1.53 13.05 -4.35
N GLU B 336 -0.54 13.18 -5.20
CA GLU B 336 0.81 13.50 -4.76
C GLU B 336 0.86 14.86 -4.07
N ILE B 337 1.58 14.90 -2.96
CA ILE B 337 1.75 16.12 -2.18
C ILE B 337 3.25 16.36 -2.10
N ASP B 338 3.69 17.55 -2.48
CA ASP B 338 5.11 17.87 -2.44
C ASP B 338 5.29 19.38 -2.35
MG MG C . 10.72 7.05 -15.04
MG MG D . 7.75 4.92 -17.55
CM2 VIB E . -6.16 6.30 -17.37
N4A VIB E . -2.20 6.51 -20.08
CM4 VIB E . 1.79 8.55 -17.50
O1 VIB E . 6.36 6.82 -16.32
C7 VIB E . 4.99 6.50 -16.12
C6 VIB E . 4.23 6.62 -17.45
C2 VIB E . 0.42 5.22 -16.59
S1 VIB E . 2.09 4.69 -16.74
C5 VIB E . 2.80 6.28 -17.17
C4 VIB E . 1.68 7.06 -17.18
N3 VIB E . 0.45 6.47 -16.86
C7A VIB E . -0.45 6.54 -17.99
C4A VIB E . -2.77 6.49 -18.81
N3A VIB E . -4.11 6.43 -18.66
C2A VIB E . -4.67 6.39 -17.46
N1A VIB E . -3.92 6.42 -16.35
C6A VIB E . -2.57 6.48 -16.42
C5A VIB E . -1.95 6.52 -17.70
MG MG F . -0.37 -1.51 19.69
MG MG G . -4.48 -3.12 19.16
CM2 VIB H . -7.36 -14.14 11.29
N4A VIB H . -7.75 -12.24 15.69
CM4 VIB H . -3.52 -9.48 16.97
O1 VIB H . -2.65 -4.65 18.06
C7 VIB H . -3.16 -5.46 16.99
C6 VIB H . -4.14 -6.49 17.56
C2 VIB H . -5.81 -8.36 14.26
S1 VIB H . -5.76 -6.82 15.10
C5 VIB H . -4.66 -7.32 16.42
C4 VIB H . -4.43 -8.62 16.09
N3 VIB H . -5.06 -9.13 14.96
C7A VIB H . -5.97 -10.21 15.29
C4A VIB H . -7.17 -12.23 14.44
N3A VIB H . -7.48 -13.13 13.50
C2A VIB H . -6.93 -13.11 12.29
N1A VIB H . -6.02 -12.20 11.97
C6A VIB H . -5.65 -11.25 12.87
C5A VIB H . -6.23 -11.24 14.17
#